data_6Z65
#
_entry.id   6Z65
#
_cell.length_a   63.019
_cell.length_b   74.531
_cell.length_c   118.739
_cell.angle_alpha   90.000
_cell.angle_beta   90.000
_cell.angle_gamma   90.000
#
_symmetry.space_group_name_H-M   'I 2 2 2'
#
loop_
_entity.id
_entity.type
_entity.pdbx_description
1 polymer 'NAD kinase 1'
2 non-polymer 'CITRIC ACID'
3 non-polymer ~{N}-[[(2~{R},3~{S},4~{R},5~{R})-5-[8-[3-[[(2~{R},3~{S},4~{R},5~{R})-5-(6-aminopurin-9-yl)-3,4-bis(oxidanyl)oxolan-2-yl]methoxy]prop-1-ynyl]-6-azanyl-purin-9-yl]-3,4-bis(oxidanyl)oxolan-2-yl]methyl]-4-azanyl-butanamide
4 water water
#
_entity_poly.entity_id   1
_entity_poly.type   'polypeptide(L)'
_entity_poly.pdbx_seq_one_letter_code
;MKYMITSKGDEKSDLLRLNMIAGFGEYDMEYDDVEPEIVISIGGDGTFLSAFHQYEERLDEIAFIGIHTGHLGFYADWRP
AEADKLVKLLAKGEYQKVSYPLLKTTVKYGIGKKEATYLALNESTVKSSGGPFVVDVVINDIHFERFRGDGLCMSTPSGT
TAYNKSLGGALMHPSIEAMQLTEMASINNRVYRTIGSPLVFPKHHVVSLQPVNDKDFQISVDHLSILHRDVQEIRYEVSA
KKIHFARFRSFPFWRRVHDSFIEDLEHHHHHH
;
_entity_poly.pdbx_strand_id   A
#
loop_
_chem_comp.id
_chem_comp.type
_chem_comp.name
_chem_comp.formula
CIT non-polymer 'CITRIC ACID' 'C6 H8 O7'
Q9N non-polymer ~{N}-[[(2~{R},3~{S},4~{R},5~{R})-5-[8-[3-[[(2~{R},3~{S},4~{R},5~{R})-5-(6-aminopurin-9-yl)-3,4-bis(oxidanyl)oxolan-2-yl]methoxy]prop-1-ynyl]-6-azanyl-purin-9-yl]-3,4-bis(oxidanyl)oxolan-2-yl]methyl]-4-azanyl-butanamide 'C27 H34 N12 O8'
#
# COMPACT_ATOMS: atom_id res chain seq x y z
N MET A 1 12.36 -11.13 20.83
CA MET A 1 11.51 -9.94 20.89
C MET A 1 10.04 -10.31 20.98
N LYS A 2 9.19 -9.30 21.11
CA LYS A 2 7.76 -9.50 20.99
C LYS A 2 7.38 -9.61 19.53
N TYR A 3 6.48 -10.55 19.23
CA TYR A 3 6.07 -10.79 17.86
C TYR A 3 4.60 -11.20 17.85
N MET A 4 4.01 -11.14 16.67
CA MET A 4 2.68 -11.69 16.44
C MET A 4 2.62 -12.23 15.03
N ILE A 5 1.64 -13.09 14.78
CA ILE A 5 1.46 -13.72 13.49
C ILE A 5 -0.01 -13.64 13.10
N THR A 6 -0.29 -13.02 11.95
CA THR A 6 -1.63 -12.98 11.40
C THR A 6 -1.74 -14.02 10.28
N SER A 7 -2.95 -14.53 10.10
CA SER A 7 -3.18 -15.63 9.18
C SER A 7 -4.34 -15.31 8.25
N LYS A 8 -4.24 -15.78 7.00
CA LYS A 8 -5.35 -15.69 6.07
C LYS A 8 -6.59 -16.39 6.61
N GLY A 9 -6.42 -17.39 7.48
CA GLY A 9 -7.53 -18.06 8.09
C GLY A 9 -7.93 -19.37 7.45
N ASP A 10 -7.26 -19.77 6.37
CA ASP A 10 -7.52 -21.08 5.79
C ASP A 10 -6.68 -22.12 6.53
N GLU A 11 -6.87 -23.39 6.15
CA GLU A 11 -6.23 -24.49 6.88
C GLU A 11 -4.71 -24.43 6.76
N LYS A 12 -4.19 -24.15 5.57
CA LYS A 12 -2.74 -24.14 5.40
C LYS A 12 -2.09 -23.02 6.20
N SER A 13 -2.71 -21.85 6.23
CA SER A 13 -2.11 -20.70 6.90
C SER A 13 -2.22 -20.82 8.41
N ASP A 14 -3.38 -21.25 8.92
CA ASP A 14 -3.55 -21.39 10.36
C ASP A 14 -2.55 -22.36 10.95
N LEU A 15 -2.28 -23.47 10.26
CA LEU A 15 -1.40 -24.48 10.81
C LEU A 15 0.07 -24.13 10.63
N LEU A 16 0.41 -23.39 9.57
CA LEU A 16 1.76 -22.83 9.50
C LEU A 16 1.99 -21.85 10.63
N ARG A 17 0.98 -21.04 10.95
CA ARG A 17 1.09 -20.11 12.08
C ARG A 17 1.29 -20.85 13.39
N LEU A 18 0.54 -21.93 13.60
CA LEU A 18 0.68 -22.70 14.84
C LEU A 18 2.05 -23.36 14.92
N ASN A 19 2.58 -23.85 13.79
CA ASN A 19 3.89 -24.46 13.79
C ASN A 19 4.99 -23.42 14.03
N MET A 20 4.85 -22.23 13.44
CA MET A 20 5.84 -21.18 13.69
C MET A 20 5.78 -20.71 15.13
N ILE A 21 4.59 -20.61 15.70
CA ILE A 21 4.45 -20.24 17.12
C ILE A 21 5.16 -21.27 17.99
N ALA A 22 5.05 -22.55 17.64
CA ALA A 22 5.75 -23.58 18.38
C ALA A 22 7.27 -23.43 18.25
N GLY A 23 7.73 -23.06 17.05
CA GLY A 23 9.15 -22.87 16.85
C GLY A 23 9.70 -21.68 17.63
N PHE A 24 8.94 -20.58 17.67
CA PHE A 24 9.35 -19.43 18.47
C PHE A 24 9.38 -19.76 19.96
N GLY A 25 8.58 -20.73 20.39
CA GLY A 25 8.56 -21.14 21.78
C GLY A 25 9.86 -21.73 22.28
N GLU A 26 10.79 -22.05 21.38
CA GLU A 26 12.11 -22.51 21.75
C GLU A 26 13.13 -21.38 21.83
N TYR A 27 12.67 -20.13 21.84
CA TYR A 27 13.55 -18.98 21.90
C TYR A 27 12.96 -17.95 22.86
N ASP A 28 13.72 -16.88 23.10
CA ASP A 28 13.26 -15.76 23.91
C ASP A 28 12.37 -14.85 23.06
N MET A 29 11.22 -15.39 22.69
CA MET A 29 10.24 -14.69 21.87
C MET A 29 8.88 -14.79 22.55
N GLU A 30 8.27 -13.65 22.84
CA GLU A 30 6.95 -13.60 23.46
C GLU A 30 5.92 -13.22 22.41
N TYR A 31 4.86 -14.02 22.32
CA TYR A 31 3.74 -13.63 21.46
C TYR A 31 2.99 -12.48 22.11
N ASP A 32 2.98 -11.33 21.43
CA ASP A 32 2.26 -10.14 21.89
C ASP A 32 1.68 -9.47 20.65
N ASP A 33 0.36 -9.47 20.54
CA ASP A 33 -0.31 -8.82 19.41
C ASP A 33 -0.71 -7.38 19.72
N VAL A 34 -0.43 -6.89 20.92
CA VAL A 34 -0.68 -5.49 21.25
C VAL A 34 0.49 -4.61 20.87
N GLU A 35 1.69 -4.95 21.36
CA GLU A 35 2.90 -4.16 21.10
C GLU A 35 4.00 -5.05 20.53
N PRO A 36 3.78 -5.68 19.39
CA PRO A 36 4.84 -6.49 18.79
C PRO A 36 5.93 -5.62 18.19
N GLU A 37 7.09 -6.23 18.00
CA GLU A 37 8.16 -5.62 17.24
C GLU A 37 8.40 -6.32 15.91
N ILE A 38 7.88 -7.54 15.75
CA ILE A 38 7.90 -8.28 14.50
C ILE A 38 6.48 -8.73 14.21
N VAL A 39 5.98 -8.40 13.01
CA VAL A 39 4.67 -8.83 12.56
C VAL A 39 4.86 -9.73 11.34
N ILE A 40 4.48 -10.99 11.47
CA ILE A 40 4.56 -11.97 10.38
C ILE A 40 3.17 -12.15 9.80
N SER A 41 3.07 -12.02 8.48
CA SER A 41 1.82 -12.22 7.75
C SER A 41 1.92 -13.51 6.96
N ILE A 42 0.93 -14.38 7.12
CA ILE A 42 0.88 -15.67 6.42
C ILE A 42 -0.40 -15.69 5.59
N GLY A 43 -0.24 -15.67 4.28
CA GLY A 43 -1.37 -15.71 3.36
C GLY A 43 -0.99 -15.14 2.02
N GLY A 44 -1.63 -14.04 1.63
CA GLY A 44 -1.29 -13.35 0.40
C GLY A 44 -0.98 -11.89 0.65
N ASP A 45 -0.95 -11.09 -0.42
CA ASP A 45 -0.72 -9.65 -0.25
C ASP A 45 -1.90 -8.98 0.44
N GLY A 46 -3.12 -9.52 0.28
CA GLY A 46 -4.24 -8.99 1.02
C GLY A 46 -4.10 -9.18 2.51
N THR A 47 -3.63 -10.36 2.94
CA THR A 47 -3.35 -10.58 4.35
C THR A 47 -2.27 -9.63 4.85
N PHE A 48 -1.25 -9.38 4.03
CA PHE A 48 -0.18 -8.49 4.45
C PHE A 48 -0.67 -7.04 4.59
N LEU A 49 -1.57 -6.62 3.70
CA LEU A 49 -2.12 -5.28 3.81
C LEU A 49 -2.97 -5.13 5.08
N SER A 50 -3.70 -6.17 5.46
CA SER A 50 -4.45 -6.13 6.71
C SER A 50 -3.52 -6.02 7.91
N ALA A 51 -2.39 -6.75 7.88
CA ALA A 51 -1.43 -6.65 8.96
C ALA A 51 -0.81 -5.27 9.05
N PHE A 52 -0.60 -4.61 7.91
CA PHE A 52 -0.03 -3.27 7.90
C PHE A 52 -1.01 -2.27 8.50
N HIS A 53 -2.28 -2.32 8.08
CA HIS A 53 -3.28 -1.40 8.61
C HIS A 53 -3.65 -1.75 10.05
N GLN A 54 -3.45 -2.99 10.47
CA GLN A 54 -3.71 -3.37 11.85
C GLN A 54 -2.73 -2.69 12.81
N TYR A 55 -1.54 -2.34 12.32
CA TYR A 55 -0.48 -1.79 13.18
C TYR A 55 0.11 -0.52 12.61
N GLU A 56 -0.67 0.25 11.84
CA GLU A 56 -0.10 1.44 11.22
C GLU A 56 0.15 2.58 12.20
N GLU A 57 -0.19 2.44 13.47
CA GLU A 57 0.14 3.44 14.48
C GLU A 57 1.49 3.21 15.13
N ARG A 58 2.12 2.05 14.90
CA ARG A 58 3.43 1.73 15.45
C ARG A 58 4.39 1.30 14.34
N LEU A 59 4.32 1.98 13.19
CA LEU A 59 5.12 1.60 12.04
C LEU A 59 6.61 1.71 12.32
N ASP A 60 7.03 2.68 13.12
CA ASP A 60 8.45 2.89 13.37
C ASP A 60 9.04 1.84 14.30
N GLU A 61 8.21 1.11 15.06
CA GLU A 61 8.68 0.13 16.01
C GLU A 61 8.49 -1.31 15.52
N ILE A 62 8.09 -1.51 14.27
CA ILE A 62 7.73 -2.83 13.77
C ILE A 62 8.47 -3.11 12.46
N ALA A 63 8.96 -4.34 12.33
CA ALA A 63 9.47 -4.86 11.06
C ALA A 63 8.54 -5.96 10.58
N PHE A 64 8.09 -5.87 9.33
CA PHE A 64 7.12 -6.78 8.75
C PHE A 64 7.80 -7.88 7.94
N ILE A 65 7.16 -9.06 7.92
CA ILE A 65 7.59 -10.19 7.11
C ILE A 65 6.36 -10.89 6.57
N GLY A 66 6.38 -11.24 5.30
CA GLY A 66 5.25 -11.88 4.66
C GLY A 66 5.61 -13.24 4.12
N ILE A 67 4.75 -14.22 4.39
CA ILE A 67 4.88 -15.58 3.90
C ILE A 67 3.67 -15.86 3.02
N HIS A 68 3.92 -16.32 1.79
CA HIS A 68 2.86 -16.63 0.85
C HIS A 68 2.59 -18.13 0.84
N THR A 69 1.37 -18.52 1.20
CA THR A 69 0.95 -19.91 1.11
C THR A 69 0.33 -20.24 -0.24
N GLY A 70 -0.11 -19.24 -0.98
CA GLY A 70 -0.51 -19.42 -2.36
C GLY A 70 0.57 -18.95 -3.31
N HIS A 71 0.20 -18.16 -4.32
CA HIS A 71 1.19 -17.67 -5.27
C HIS A 71 2.12 -16.65 -4.60
N LEU A 72 3.26 -16.41 -5.24
CA LEU A 72 4.20 -15.43 -4.73
C LEU A 72 3.57 -14.05 -4.66
N GLY A 73 3.77 -13.37 -3.53
CA GLY A 73 3.30 -12.01 -3.38
C GLY A 73 4.44 -11.02 -3.45
N PHE A 74 4.12 -9.75 -3.72
CA PHE A 74 5.15 -8.73 -3.72
C PHE A 74 5.55 -8.31 -2.32
N TYR A 75 4.66 -8.46 -1.34
CA TYR A 75 4.98 -8.24 0.07
C TYR A 75 5.22 -9.56 0.80
N ALA A 76 4.43 -10.58 0.51
CA ALA A 76 4.63 -11.93 1.06
C ALA A 76 5.54 -12.70 0.12
N ASP A 77 6.86 -12.52 0.30
CA ASP A 77 7.86 -13.04 -0.62
C ASP A 77 8.70 -14.17 -0.01
N TRP A 78 8.22 -14.82 1.04
CA TRP A 78 8.87 -15.99 1.62
C TRP A 78 8.01 -17.22 1.38
N ARG A 79 8.66 -18.35 1.09
CA ARG A 79 7.94 -19.59 0.87
C ARG A 79 7.66 -20.28 2.21
N PRO A 80 6.59 -21.06 2.29
CA PRO A 80 6.29 -21.76 3.55
C PRO A 80 7.35 -22.76 3.95
N ALA A 81 8.12 -23.29 2.99
CA ALA A 81 9.14 -24.28 3.30
C ALA A 81 10.29 -23.69 4.11
N GLU A 82 10.45 -22.36 4.11
CA GLU A 82 11.54 -21.71 4.83
C GLU A 82 11.08 -21.11 6.15
N ALA A 83 9.93 -21.52 6.67
CA ALA A 83 9.44 -20.98 7.93
C ALA A 83 10.41 -21.28 9.07
N ASP A 84 11.02 -22.47 9.05
CA ASP A 84 11.92 -22.86 10.13
C ASP A 84 13.20 -22.02 10.12
N LYS A 85 13.84 -21.90 8.96
CA LYS A 85 15.01 -21.02 8.84
C LYS A 85 14.66 -19.59 9.25
N LEU A 86 13.43 -19.15 8.95
CA LEU A 86 12.96 -17.82 9.30
C LEU A 86 12.76 -17.65 10.80
N VAL A 87 12.13 -18.64 11.44
CA VAL A 87 11.98 -18.63 12.89
C VAL A 87 13.34 -18.44 13.56
N LYS A 88 14.33 -19.23 13.14
CA LYS A 88 15.64 -19.20 13.79
C LYS A 88 16.36 -17.87 13.54
N LEU A 89 16.38 -17.41 12.28
CA LEU A 89 17.09 -16.17 11.97
C LEU A 89 16.45 -14.97 12.66
N LEU A 90 15.12 -14.94 12.73
CA LEU A 90 14.43 -13.86 13.43
C LEU A 90 14.79 -13.84 14.91
N ALA A 91 14.96 -15.03 15.50
CA ALA A 91 15.28 -15.09 16.93
C ALA A 91 16.74 -14.76 17.19
N LYS A 92 17.64 -15.17 16.29
CA LYS A 92 19.05 -14.82 16.40
C LYS A 92 19.33 -13.37 16.00
N GLY A 93 18.33 -12.66 15.51
CA GLY A 93 18.53 -11.27 15.14
C GLY A 93 19.46 -11.13 13.96
N GLU A 94 20.26 -10.06 13.98
CA GLU A 94 21.30 -9.82 12.97
C GLU A 94 20.71 -9.79 11.55
N TYR A 95 19.51 -9.23 11.43
CA TYR A 95 18.90 -8.97 10.14
C TYR A 95 18.83 -7.46 9.92
N GLN A 96 18.94 -7.05 8.66
CA GLN A 96 18.83 -5.64 8.33
C GLN A 96 17.41 -5.32 7.88
N LYS A 97 16.99 -4.09 8.15
CA LYS A 97 15.66 -3.61 7.77
C LYS A 97 15.74 -2.83 6.47
N VAL A 98 14.69 -2.96 5.66
CA VAL A 98 14.52 -2.15 4.46
C VAL A 98 13.20 -1.39 4.61
N SER A 99 13.16 -0.18 4.06
CA SER A 99 12.04 0.72 4.24
C SER A 99 11.49 1.15 2.88
N TYR A 100 10.16 1.11 2.75
CA TYR A 100 9.43 1.55 1.56
C TYR A 100 8.61 2.79 1.86
N PRO A 101 8.48 3.70 0.89
CA PRO A 101 7.69 4.91 1.12
C PRO A 101 6.20 4.60 1.21
N LEU A 102 5.47 5.54 1.81
CA LEU A 102 4.04 5.43 2.00
C LEU A 102 3.36 6.69 1.48
N LEU A 103 2.05 6.59 1.26
CA LEU A 103 1.24 7.68 0.73
C LEU A 103 0.30 8.19 1.82
N LYS A 104 0.32 9.50 2.04
CA LYS A 104 -0.59 10.12 2.98
C LYS A 104 -1.78 10.71 2.22
N THR A 105 -2.98 10.38 2.67
CA THR A 105 -4.22 10.90 2.12
C THR A 105 -4.93 11.70 3.18
N THR A 106 -5.28 12.94 2.85
CA THR A 106 -6.04 13.81 3.74
C THR A 106 -7.38 14.14 3.10
N VAL A 107 -8.46 13.91 3.82
CA VAL A 107 -9.81 14.21 3.34
C VAL A 107 -10.38 15.31 4.22
N LYS A 108 -10.62 16.47 3.63
CA LYS A 108 -11.26 17.59 4.31
C LYS A 108 -12.74 17.59 3.98
N TYR A 109 -13.57 17.95 4.97
CA TYR A 109 -15.02 17.96 4.81
C TYR A 109 -15.53 19.39 4.86
N GLY A 110 -16.82 19.53 4.55
CA GLY A 110 -17.47 20.81 4.67
C GLY A 110 -17.85 21.13 6.11
N ILE A 111 -18.32 22.36 6.30
CA ILE A 111 -18.71 22.86 7.61
C ILE A 111 -17.57 22.71 8.62
N GLU A 115 -11.45 16.91 9.21
CA GLU A 115 -10.27 16.43 8.48
C GLU A 115 -9.87 15.05 8.95
N ALA A 116 -9.55 14.17 8.01
CA ALA A 116 -9.16 12.80 8.31
C ALA A 116 -7.96 12.42 7.45
N THR A 117 -7.00 11.71 8.05
CA THR A 117 -5.80 11.29 7.35
C THR A 117 -5.71 9.78 7.29
N TYR A 118 -5.08 9.28 6.23
CA TYR A 118 -4.89 7.86 6.02
C TYR A 118 -3.53 7.61 5.41
N LEU A 119 -2.95 6.45 5.72
CA LEU A 119 -1.73 5.97 5.09
C LEU A 119 -2.08 4.82 4.15
N ALA A 120 -1.45 4.81 2.98
CA ALA A 120 -1.63 3.74 2.01
C ALA A 120 -0.29 3.06 1.72
N LEU A 121 -0.31 1.74 1.64
CA LEU A 121 0.87 0.98 1.23
C LEU A 121 0.84 0.69 -0.26
N ASN A 122 -0.35 0.44 -0.82
CA ASN A 122 -0.48 0.28 -2.26
C ASN A 122 -0.89 1.59 -2.92
N GLU A 123 -2.11 2.05 -2.66
CA GLU A 123 -2.61 3.24 -3.33
C GLU A 123 -3.86 3.75 -2.64
N SER A 124 -4.24 4.97 -3.01
CA SER A 124 -5.53 5.55 -2.68
C SER A 124 -6.22 5.95 -3.98
N THR A 125 -7.50 5.60 -4.11
CA THR A 125 -8.25 5.90 -5.31
C THR A 125 -9.51 6.67 -4.97
N VAL A 126 -9.98 7.44 -5.94
CA VAL A 126 -11.21 8.24 -5.80
C VAL A 126 -12.09 7.94 -6.99
N LYS A 127 -13.36 7.63 -6.72
CA LYS A 127 -14.39 7.41 -7.73
C LYS A 127 -15.64 8.16 -7.31
N SER A 128 -16.58 8.29 -8.24
CA SER A 128 -17.81 9.02 -7.96
C SER A 128 -18.89 8.08 -7.45
N SER A 129 -19.87 8.67 -6.75
CA SER A 129 -20.94 7.93 -6.11
C SER A 129 -21.95 7.43 -7.13
N GLY A 130 -21.48 6.83 -8.22
CA GLY A 130 -22.36 6.31 -9.25
C GLY A 130 -22.50 7.22 -10.45
N GLY A 131 -22.73 8.51 -10.20
CA GLY A 131 -22.89 9.47 -11.27
C GLY A 131 -21.58 9.81 -11.96
N PRO A 132 -21.49 11.01 -12.51
CA PRO A 132 -20.26 11.42 -13.19
C PRO A 132 -19.21 11.93 -12.21
N PHE A 133 -17.95 11.69 -12.55
CA PHE A 133 -16.82 12.07 -11.72
C PHE A 133 -16.10 13.25 -12.36
N VAL A 134 -16.19 14.42 -11.72
CA VAL A 134 -15.51 15.63 -12.17
C VAL A 134 -14.78 16.21 -10.97
N VAL A 135 -13.45 16.32 -11.07
CA VAL A 135 -12.65 16.96 -10.03
C VAL A 135 -11.63 17.88 -10.68
N ASP A 136 -11.32 18.97 -9.98
CA ASP A 136 -10.22 19.86 -10.35
C ASP A 136 -8.94 19.36 -9.70
N VAL A 137 -7.90 19.19 -10.51
CA VAL A 137 -6.61 18.67 -10.05
C VAL A 137 -5.67 19.84 -9.88
N VAL A 138 -5.20 20.04 -8.66
CA VAL A 138 -4.35 21.17 -8.30
C VAL A 138 -3.05 20.63 -7.74
N ILE A 139 -1.94 21.02 -8.37
CA ILE A 139 -0.61 20.57 -7.99
C ILE A 139 0.13 21.76 -7.37
N ASN A 140 0.47 21.65 -6.09
CA ASN A 140 1.20 22.69 -5.37
C ASN A 140 0.54 24.05 -5.56
N ASP A 141 -0.79 24.08 -5.35
CA ASP A 141 -1.64 25.27 -5.43
C ASP A 141 -1.86 25.77 -6.85
N ILE A 142 -1.40 25.03 -7.86
CA ILE A 142 -1.53 25.43 -9.26
C ILE A 142 -2.57 24.53 -9.92
N HIS A 143 -3.60 25.14 -10.51
CA HIS A 143 -4.63 24.34 -11.18
CA HIS A 143 -4.63 24.36 -11.18
C HIS A 143 -4.04 23.69 -12.42
N PHE A 144 -4.04 22.36 -12.44
CA PHE A 144 -3.42 21.59 -13.51
C PHE A 144 -4.42 21.13 -14.56
N GLU A 145 -5.53 20.53 -14.15
CA GLU A 145 -6.49 20.02 -15.12
C GLU A 145 -7.84 19.85 -14.44
N ARG A 146 -8.89 19.85 -15.26
CA ARG A 146 -10.22 19.41 -14.83
C ARG A 146 -10.42 18.00 -15.35
N PHE A 147 -10.42 17.02 -14.44
CA PHE A 147 -10.52 15.63 -14.83
C PHE A 147 -11.98 15.20 -14.88
N ARG A 148 -12.37 14.61 -16.01
CA ARG A 148 -13.64 13.95 -16.17
C ARG A 148 -13.38 12.51 -16.59
N GLY A 149 -13.99 11.56 -15.88
CA GLY A 149 -13.76 10.16 -16.18
C GLY A 149 -14.30 9.26 -15.09
N ASP A 150 -13.67 8.10 -14.94
CA ASP A 150 -14.11 7.11 -13.97
C ASP A 150 -13.50 7.33 -12.59
N GLY A 151 -12.29 7.84 -12.52
CA GLY A 151 -11.63 8.06 -11.25
C GLY A 151 -10.15 8.25 -11.41
N LEU A 152 -9.48 8.38 -10.26
CA LEU A 152 -8.05 8.61 -10.19
C LEU A 152 -7.44 7.68 -9.15
N CYS A 153 -6.17 7.36 -9.35
CA CYS A 153 -5.43 6.44 -8.47
C CYS A 153 -4.07 7.05 -8.19
N MET A 154 -3.72 7.16 -6.90
CA MET A 154 -2.42 7.63 -6.48
C MET A 154 -1.70 6.48 -5.79
N SER A 155 -0.56 6.09 -6.33
CA SER A 155 0.13 4.87 -5.93
C SER A 155 1.47 5.18 -5.27
N THR A 156 1.82 4.35 -4.29
CA THR A 156 3.17 4.33 -3.75
C THR A 156 4.10 3.60 -4.72
N PRO A 157 5.42 3.67 -4.53
CA PRO A 157 6.31 2.87 -5.39
C PRO A 157 6.01 1.38 -5.35
N SER A 158 5.95 0.77 -4.16
CA SER A 158 5.61 -0.64 -4.09
C SER A 158 4.19 -0.92 -4.58
N GLY A 159 3.31 0.09 -4.54
CA GLY A 159 1.98 -0.05 -5.12
C GLY A 159 1.93 -0.01 -6.63
N THR A 160 3.01 0.40 -7.31
CA THR A 160 2.94 0.60 -8.75
C THR A 160 2.76 -0.70 -9.52
N THR A 161 3.05 -1.86 -8.91
CA THR A 161 2.81 -3.13 -9.56
C THR A 161 1.40 -3.65 -9.35
N ALA A 162 0.54 -2.89 -8.71
CA ALA A 162 -0.82 -3.33 -8.38
C ALA A 162 -1.81 -2.59 -9.28
N TYR A 163 -2.83 -1.93 -8.74
CA TYR A 163 -3.83 -1.21 -9.54
C TYR A 163 -3.16 -0.29 -10.55
N ASN A 164 -2.13 0.44 -10.09
CA ASN A 164 -1.40 1.38 -10.94
C ASN A 164 -0.96 0.73 -12.25
N LYS A 165 -0.44 -0.50 -12.17
CA LYS A 165 0.01 -1.19 -13.37
C LYS A 165 -1.14 -1.45 -14.34
N SER A 166 -2.30 -1.86 -13.80
CA SER A 166 -3.46 -2.14 -14.66
C SER A 166 -3.95 -0.88 -15.36
N LEU A 167 -3.70 0.29 -14.78
CA LEU A 167 -4.13 1.56 -15.36
C LEU A 167 -3.08 2.16 -16.29
N GLY A 168 -2.01 1.43 -16.59
CA GLY A 168 -0.99 1.90 -17.50
C GLY A 168 0.15 2.66 -16.85
N GLY A 169 0.24 2.67 -15.52
CA GLY A 169 1.30 3.39 -14.86
C GLY A 169 2.64 2.68 -14.95
N ALA A 170 3.70 3.44 -14.69
CA ALA A 170 5.04 2.90 -14.69
C ALA A 170 5.33 2.15 -13.39
N LEU A 171 6.19 1.16 -13.48
CA LEU A 171 6.69 0.46 -12.30
C LEU A 171 7.93 1.19 -11.79
N MET A 172 7.91 1.55 -10.51
CA MET A 172 8.97 2.35 -9.90
C MET A 172 9.68 1.53 -8.83
N HIS A 173 11.00 1.61 -8.81
CA HIS A 173 11.75 0.95 -7.76
C HIS A 173 11.42 1.59 -6.42
N PRO A 174 11.19 0.81 -5.36
CA PRO A 174 10.72 1.39 -4.09
C PRO A 174 11.76 2.22 -3.36
N SER A 175 12.98 2.35 -3.87
CA SER A 175 13.94 3.26 -3.26
C SER A 175 13.68 4.71 -3.63
N ILE A 176 12.77 4.95 -4.56
CA ILE A 176 12.42 6.31 -4.99
C ILE A 176 11.27 6.80 -4.13
N GLU A 177 11.49 7.92 -3.44
CA GLU A 177 10.44 8.49 -2.58
C GLU A 177 9.53 9.33 -3.47
N ALA A 178 8.45 8.71 -3.94
CA ALA A 178 7.57 9.35 -4.91
C ALA A 178 6.16 8.78 -4.79
N MET A 179 5.24 9.40 -5.52
CA MET A 179 3.89 8.88 -5.71
C MET A 179 3.51 9.08 -7.17
N GLN A 180 2.63 8.22 -7.67
CA GLN A 180 2.27 8.21 -9.08
C GLN A 180 0.76 8.26 -9.25
N LEU A 181 0.29 9.21 -10.06
CA LEU A 181 -1.12 9.43 -10.32
C LEU A 181 -1.50 8.89 -11.69
N THR A 182 -2.51 8.04 -11.74
CA THR A 182 -3.00 7.48 -13.00
C THR A 182 -4.49 7.77 -13.15
N GLU A 183 -4.91 7.88 -14.41
CA GLU A 183 -6.30 8.15 -14.74
C GLU A 183 -7.06 6.85 -14.99
N MET A 184 -8.35 6.87 -14.67
CA MET A 184 -9.27 5.80 -15.02
C MET A 184 -10.24 6.33 -16.07
N ALA A 185 -10.03 5.93 -17.32
CA ALA A 185 -10.96 6.19 -18.41
C ALA A 185 -11.37 7.67 -18.48
N SER A 186 -10.38 8.50 -18.78
CA SER A 186 -10.62 9.92 -18.94
C SER A 186 -11.25 10.22 -20.29
N ILE A 187 -12.19 11.16 -20.31
CA ILE A 187 -12.79 11.61 -21.56
C ILE A 187 -11.93 12.73 -22.14
N ASN A 188 -11.64 12.64 -23.43
CA ASN A 188 -10.84 13.65 -24.12
C ASN A 188 -11.51 13.93 -25.46
N ASN A 189 -12.03 15.14 -25.62
CA ASN A 189 -12.53 15.58 -26.92
C ASN A 189 -12.20 17.05 -27.12
N ARG A 190 -13.02 17.75 -27.90
CA ARG A 190 -12.73 19.15 -28.21
C ARG A 190 -12.84 20.04 -26.98
N VAL A 191 -13.74 19.70 -26.05
CA VAL A 191 -13.99 20.56 -24.89
C VAL A 191 -13.38 20.04 -23.60
N TYR A 192 -13.12 18.75 -23.48
CA TYR A 192 -12.58 18.14 -22.27
C TYR A 192 -11.16 17.64 -22.53
N ARG A 193 -10.26 17.90 -21.59
CA ARG A 193 -8.84 17.67 -21.83
C ARG A 193 -8.13 17.33 -20.53
N THR A 194 -7.43 16.18 -20.53
CA THR A 194 -6.54 15.80 -19.45
C THR A 194 -5.17 15.48 -20.02
N ILE A 195 -4.19 15.28 -19.13
CA ILE A 195 -2.83 15.00 -19.58
C ILE A 195 -2.74 13.57 -20.12
N GLY A 196 -3.52 12.65 -19.58
CA GLY A 196 -3.52 11.26 -20.04
C GLY A 196 -2.39 10.45 -19.43
N SER A 197 -1.16 10.94 -19.57
CA SER A 197 -0.01 10.21 -19.09
C SER A 197 -0.04 10.10 -17.57
N PRO A 198 0.54 9.04 -17.02
CA PRO A 198 0.72 8.99 -15.56
C PRO A 198 1.68 10.08 -15.13
N LEU A 199 1.53 10.53 -13.88
CA LEU A 199 2.34 11.60 -13.33
C LEU A 199 3.06 11.09 -12.09
N VAL A 200 4.36 11.35 -12.01
CA VAL A 200 5.18 10.91 -10.88
C VAL A 200 5.65 12.14 -10.13
N PHE A 201 5.33 12.21 -8.84
CA PHE A 201 5.56 13.35 -7.98
C PHE A 201 6.61 13.04 -6.93
N PRO A 202 7.50 13.98 -6.64
CA PRO A 202 8.53 13.76 -5.63
C PRO A 202 7.99 14.08 -4.24
N LYS A 203 8.85 13.88 -3.24
CA LYS A 203 8.52 14.28 -1.89
C LYS A 203 8.20 15.77 -1.84
N HIS A 204 7.27 16.13 -0.95
CA HIS A 204 6.84 17.48 -0.61
C HIS A 204 5.92 18.11 -1.65
N HIS A 205 5.71 17.47 -2.81
CA HIS A 205 4.67 17.94 -3.72
C HIS A 205 3.31 17.49 -3.21
N VAL A 206 2.33 18.39 -3.30
CA VAL A 206 0.98 18.13 -2.82
C VAL A 206 0.03 18.18 -4.01
N VAL A 207 -0.73 17.10 -4.20
CA VAL A 207 -1.75 17.01 -5.24
C VAL A 207 -3.10 17.05 -4.55
N SER A 208 -3.93 18.01 -4.95
CA SER A 208 -5.23 18.26 -4.34
C SER A 208 -6.33 18.01 -5.35
N LEU A 209 -7.33 17.23 -4.96
CA LEU A 209 -8.52 16.98 -5.77
C LEU A 209 -9.69 17.72 -5.13
N GLN A 210 -10.33 18.58 -5.91
CA GLN A 210 -11.38 19.45 -5.39
C GLN A 210 -12.65 19.27 -6.21
N PRO A 211 -13.81 19.09 -5.58
CA PRO A 211 -15.03 18.80 -6.33
C PRO A 211 -15.46 19.99 -7.18
N VAL A 212 -16.19 19.68 -8.24
CA VAL A 212 -16.77 20.68 -9.13
C VAL A 212 -18.29 20.76 -8.97
N ASN A 213 -18.95 19.59 -8.96
CA ASN A 213 -20.40 19.55 -8.75
C ASN A 213 -20.72 18.67 -7.54
N ASP A 214 -20.84 17.36 -7.77
CA ASP A 214 -21.11 16.44 -6.68
C ASP A 214 -19.97 16.45 -5.68
N LYS A 215 -20.31 16.49 -4.39
CA LYS A 215 -19.34 16.52 -3.32
C LYS A 215 -19.15 15.16 -2.66
N ASP A 216 -19.79 14.11 -3.19
CA ASP A 216 -19.73 12.78 -2.61
C ASP A 216 -18.87 11.88 -3.48
N PHE A 217 -17.91 11.20 -2.87
CA PHE A 217 -16.95 10.37 -3.58
C PHE A 217 -16.76 9.05 -2.86
N GLN A 218 -16.43 8.02 -3.62
CA GLN A 218 -15.99 6.75 -3.07
C GLN A 218 -14.46 6.78 -2.99
N ILE A 219 -13.93 6.77 -1.77
CA ILE A 219 -12.49 6.90 -1.54
C ILE A 219 -11.98 5.57 -1.00
N SER A 220 -10.98 5.01 -1.67
CA SER A 220 -10.36 3.76 -1.25
C SER A 220 -8.94 4.04 -0.75
N VAL A 221 -8.57 3.36 0.33
CA VAL A 221 -7.19 3.31 0.81
C VAL A 221 -6.81 1.85 0.88
N ASP A 222 -5.92 1.42 -0.03
CA ASP A 222 -5.62 0.01 -0.19
C ASP A 222 -6.91 -0.78 -0.39
N HIS A 223 -7.21 -1.70 0.52
CA HIS A 223 -8.40 -2.55 0.37
CA HIS A 223 -8.41 -2.54 0.36
C HIS A 223 -9.67 -1.90 0.91
N LEU A 224 -9.55 -0.86 1.73
CA LEU A 224 -10.70 -0.24 2.39
C LEU A 224 -11.33 0.80 1.47
N SER A 225 -12.62 0.63 1.16
CA SER A 225 -13.35 1.57 0.32
C SER A 225 -14.58 2.07 1.08
N ILE A 226 -14.71 3.40 1.19
CA ILE A 226 -15.78 4.02 1.95
C ILE A 226 -16.34 5.18 1.13
N LEU A 227 -17.63 5.47 1.35
CA LEU A 227 -18.27 6.62 0.74
C LEU A 227 -18.11 7.82 1.67
N HIS A 228 -17.46 8.86 1.18
CA HIS A 228 -17.30 10.11 1.91
C HIS A 228 -18.29 11.14 1.38
N ARG A 229 -18.91 11.87 2.29
CA ARG A 229 -19.89 12.88 1.93
C ARG A 229 -19.45 14.25 2.41
N ASP A 230 -19.87 15.28 1.68
CA ASP A 230 -19.51 16.67 1.97
C ASP A 230 -18.01 16.86 1.93
N VAL A 231 -17.34 16.20 0.99
CA VAL A 231 -15.91 16.36 0.81
C VAL A 231 -15.62 17.68 0.12
N GLN A 232 -14.63 18.40 0.63
CA GLN A 232 -14.18 19.64 0.01
C GLN A 232 -12.83 19.52 -0.67
N GLU A 233 -12.04 18.50 -0.33
CA GLU A 233 -10.67 18.38 -0.82
C GLU A 233 -10.13 17.02 -0.44
N ILE A 234 -9.36 16.42 -1.35
CA ILE A 234 -8.57 15.22 -1.06
C ILE A 234 -7.12 15.55 -1.41
N ARG A 235 -6.24 15.45 -0.43
CA ARG A 235 -4.85 15.86 -0.56
C ARG A 235 -3.93 14.64 -0.52
N TYR A 236 -3.00 14.57 -1.45
CA TYR A 236 -2.03 13.49 -1.55
C TYR A 236 -0.61 14.03 -1.46
N GLU A 237 0.21 13.33 -0.71
CA GLU A 237 1.64 13.64 -0.60
C GLU A 237 2.35 12.39 -0.10
N VAL A 238 3.63 12.30 -0.43
CA VAL A 238 4.44 11.21 0.10
C VAL A 238 4.53 11.37 1.61
N SER A 239 4.26 10.28 2.33
CA SER A 239 4.27 10.34 3.79
C SER A 239 5.68 10.49 4.32
N ALA A 240 5.79 11.13 5.49
CA ALA A 240 7.06 11.11 6.22
C ALA A 240 7.33 9.77 6.86
N LYS A 241 6.28 8.95 7.03
CA LYS A 241 6.42 7.62 7.62
C LYS A 241 6.84 6.60 6.55
N LYS A 242 7.44 5.52 7.01
CA LYS A 242 7.87 4.43 6.14
C LYS A 242 7.49 3.10 6.78
N ILE A 243 7.20 2.11 5.94
CA ILE A 243 7.04 0.74 6.42
C ILE A 243 8.39 0.06 6.36
N HIS A 244 8.72 -0.69 7.40
CA HIS A 244 10.00 -1.37 7.51
C HIS A 244 9.78 -2.87 7.35
N PHE A 245 10.63 -3.49 6.53
CA PHE A 245 10.62 -4.93 6.34
C PHE A 245 11.87 -5.52 6.99
N ALA A 246 11.74 -6.78 7.43
CA ALA A 246 12.90 -7.55 7.84
C ALA A 246 13.43 -8.31 6.63
N ARG A 247 14.73 -8.16 6.38
CA ARG A 247 15.39 -8.77 5.23
C ARG A 247 16.45 -9.74 5.71
N PHE A 248 16.42 -10.96 5.20
CA PHE A 248 17.39 -11.98 5.58
C PHE A 248 18.27 -12.43 4.42
N ARG A 249 17.94 -12.07 3.18
CA ARG A 249 18.78 -12.37 2.03
C ARG A 249 18.34 -11.47 0.89
N SER A 250 19.11 -11.49 -0.19
CA SER A 250 18.84 -10.62 -1.33
C SER A 250 17.70 -11.17 -2.17
N PHE A 251 16.62 -10.40 -2.27
CA PHE A 251 15.52 -10.69 -3.19
C PHE A 251 15.16 -9.37 -3.84
N PRO A 252 15.86 -8.98 -4.90
CA PRO A 252 15.70 -7.63 -5.45
C PRO A 252 14.31 -7.39 -6.01
N PHE A 253 13.90 -6.12 -5.96
CA PHE A 253 12.58 -5.72 -6.44
C PHE A 253 12.38 -6.12 -7.90
N TRP A 254 13.37 -5.87 -8.75
CA TRP A 254 13.23 -6.22 -10.15
C TRP A 254 13.17 -7.72 -10.38
N ARG A 255 13.77 -8.51 -9.48
CA ARG A 255 13.60 -9.96 -9.55
C ARG A 255 12.18 -10.36 -9.14
N ARG A 256 11.64 -9.74 -8.10
CA ARG A 256 10.25 -9.97 -7.74
C ARG A 256 9.32 -9.60 -8.89
N VAL A 257 9.61 -8.50 -9.58
CA VAL A 257 8.82 -8.11 -10.76
C VAL A 257 8.92 -9.19 -11.82
N HIS A 258 10.13 -9.63 -12.12
CA HIS A 258 10.34 -10.70 -13.10
C HIS A 258 9.58 -11.96 -12.71
N ASP A 259 9.72 -12.38 -11.45
CA ASP A 259 9.09 -13.62 -11.01
C ASP A 259 7.56 -13.55 -11.05
N SER A 260 7.00 -12.35 -10.87
CA SER A 260 5.54 -12.22 -10.80
C SER A 260 4.89 -12.02 -12.16
N PHE A 261 5.55 -11.36 -13.10
CA PHE A 261 4.91 -10.98 -14.35
C PHE A 261 5.50 -11.65 -15.58
N ILE A 262 6.73 -12.16 -15.52
CA ILE A 262 7.44 -12.66 -16.69
C ILE A 262 7.58 -14.18 -16.66
N GLU A 263 8.21 -14.72 -15.61
CA GLU A 263 8.39 -16.16 -15.51
C GLU A 263 8.99 -16.50 -14.15
N ASP A 264 8.85 -17.77 -13.76
CA ASP A 264 9.42 -18.25 -12.51
C ASP A 264 9.72 -19.75 -12.59
C1 CIT B . 16.54 -3.94 -4.27
O1 CIT B . 15.45 -4.00 -4.88
O2 CIT B . 17.60 -4.02 -4.93
C2 CIT B . 16.61 -3.78 -2.76
C3 CIT B . 15.63 -4.68 -2.02
O7 CIT B . 15.78 -6.04 -2.51
C4 CIT B . 15.94 -4.67 -0.52
C5 CIT B . 16.92 -5.78 -0.18
O3 CIT B . 18.08 -5.52 0.16
O4 CIT B . 16.55 -6.98 -0.24
C6 CIT B . 14.21 -4.22 -2.23
O5 CIT B . 13.87 -3.05 -1.97
O6 CIT B . 13.35 -5.01 -2.71
O3 Q9N C . -3.28 -11.02 -6.96
C4 Q9N C . -5.60 -8.44 -5.59
C5 Q9N C . -4.41 -8.95 -6.40
O4 Q9N C . -6.26 -6.52 -2.86
C6 Q9N C . -2.17 -8.48 -5.98
N1 Q9N C . -6.79 -9.27 -5.73
C7 Q9N C . -2.55 -9.66 -5.08
C8 Q9N C . -3.74 -10.22 -5.88
N2 Q9N C . -1.38 -7.43 -5.35
C9 Q9N C . -1.68 -6.71 -4.20
O5 Q9N C . -6.19 -4.84 -5.20
C10 Q9N C . 0.17 -5.92 -4.93
O6 Q9N C . -3.97 -2.28 -5.60
C11 Q9N C . -0.20 -6.91 -5.83
C12 Q9N C . 1.55 -6.51 -7.11
N3 Q9N C . -0.77 -5.80 -3.91
C13 Q9N C . 1.34 -5.20 -5.22
O7 Q9N C . -4.72 -2.37 -3.08
C14 Q9N C . -2.89 -6.90 -3.48
C15 Q9N C . -3.90 -6.97 -2.85
N4 Q9N C . 0.46 -7.27 -6.94
N Q9N C . -7.81 -13.62 -5.90
C Q9N C . -8.14 -12.23 -5.66
O Q9N C . -7.46 -8.36 -7.67
C1 Q9N C . -8.57 -11.50 -6.91
C16 Q9N C . -5.15 -6.98 -2.09
C17 Q9N C . -6.41 -5.11 -2.80
C18 Q9N C . -5.65 -4.46 -3.93
C19 Q9N C . -5.66 -3.95 -6.17
C2 Q9N C . -8.87 -10.02 -6.68
C20 Q9N C . -5.35 -2.63 -5.44
C21 Q9N C . -5.68 -2.94 -3.97
C22 Q9N C . -7.91 -3.37 -7.20
C23 Q9N C . -7.52 -3.70 -9.26
C24 Q9N C . -6.36 -4.03 -8.59
C25 Q9N C . -5.33 -4.57 -10.46
C26 Q9N C . -7.51 -3.84 -10.66
C3 Q9N C . -7.64 -9.15 -6.74
N10 Q9N C . -6.38 -4.28 -11.25
N11 Q9N C . -8.56 -3.54 -11.44
N5 Q9N C . 2.02 -5.53 -6.34
N6 Q9N C . 1.80 -4.19 -4.47
N7 Q9N C . -6.61 -3.81 -7.26
N8 Q9N C . -8.51 -3.28 -8.37
N9 Q9N C . -5.22 -4.47 -9.14
O1 Q9N C . -3.39 -7.94 -6.45
O2 Q9N C . -1.49 -10.60 -4.98
#